data_7TYU
#
_entry.id   7TYU
#
_cell.length_a   115.270
_cell.length_b   61.526
_cell.length_c   79.412
_cell.angle_alpha   90.000
_cell.angle_beta   111.759
_cell.angle_gamma   90.000
#
_symmetry.space_group_name_H-M   'C 1 2 1'
#
loop_
_entity.id
_entity.type
_entity.pdbx_description
1 polymer 'Transcriptional enhancer factor TEF-4'
2 non-polymer (3R)-1-[(8S)-5-(4-cyclohexylphenyl)-7-oxo-4,7-dihydropyrazolo[1,5-a]pyrimidine-3-carbonyl]pyrrolidine-3-carbonitrile
3 non-polymer 2-AMINO-2-HYDROXYMETHYL-PROPANE-1,3-DIOL
4 water water
#
_entity_poly.entity_id   1
_entity_poly.type   'polypeptide(L)'
_entity_poly.pdbx_seq_one_letter_code
;AWQARGLGTARLQLVEFSAFVEPPDAVDSYQRHLFVHISQHCPSPGAPPLESVDVRQIYDKFPEKKGGLRELYDRGPPHA
FFLVKFWADLNWGPSGEEAGAGGSISSGGFYGVSSQYESLEHMTLTCSSKVCSFGKQVVEKVETERAQLEDGRFVYRLLR
SPMCEYLVNFLHKLRQLPERYMMNSVLENFTILQVVTNRDTQELLLCTAYVFEVSTSERGAQHHIYRLVRD
;
_entity_poly.pdbx_strand_id   A,B
#
loop_
_chem_comp.id
_chem_comp.type
_chem_comp.name
_chem_comp.formula
KTF non-polymer (3R)-1-[(8S)-5-(4-cyclohexylphenyl)-7-oxo-4,7-dihydropyrazolo[1,5-a]pyrimidine-3-carbonyl]pyrrolidine-3-carbonitrile 'C24 H25 N5 O2'
TRS non-polymer 2-AMINO-2-HYDROXYMETHYL-PROPANE-1,3-DIOL 'C4 H12 N O3 1'
#
# COMPACT_ATOMS: atom_id res chain seq x y z
N ALA A 4 15.45 21.47 -13.21
CA ALA A 4 14.77 21.00 -12.00
C ALA A 4 15.16 21.83 -10.79
N ARG A 5 14.17 22.49 -10.18
CA ARG A 5 14.40 23.35 -9.03
C ARG A 5 13.52 22.99 -7.83
N GLY A 6 12.89 21.82 -7.84
CA GLY A 6 12.08 21.35 -6.73
C GLY A 6 11.85 19.87 -6.87
N LEU A 7 11.13 19.31 -5.91
CA LEU A 7 10.83 17.87 -5.93
C LEU A 7 9.69 17.64 -6.92
N GLY A 8 10.07 17.33 -8.15
CA GLY A 8 9.08 17.03 -9.17
C GLY A 8 9.65 17.26 -10.54
N THR A 9 8.88 16.84 -11.53
CA THR A 9 9.30 17.01 -12.90
C THR A 9 8.37 17.99 -13.60
N ALA A 10 8.49 18.00 -14.92
CA ALA A 10 7.64 18.81 -15.77
C ALA A 10 6.19 18.33 -15.76
N ARG A 11 5.96 17.08 -15.40
CA ARG A 11 4.62 16.48 -15.43
C ARG A 11 3.96 16.42 -14.07
N LEU A 12 4.72 16.32 -12.99
CA LEU A 12 4.16 16.08 -11.68
C LEU A 12 5.06 16.67 -10.60
N GLN A 13 4.48 17.44 -9.69
CA GLN A 13 5.21 18.06 -8.60
CA GLN A 13 5.18 18.11 -8.59
C GLN A 13 4.64 17.60 -7.28
N LEU A 14 5.54 17.28 -6.34
CA LEU A 14 5.13 17.01 -4.97
C LEU A 14 5.17 18.35 -4.22
N VAL A 15 3.99 18.89 -3.94
CA VAL A 15 3.89 20.26 -3.44
C VAL A 15 3.96 20.33 -1.92
N GLU A 16 3.42 19.34 -1.21
CA GLU A 16 3.49 19.33 0.24
CA GLU A 16 3.45 19.33 0.25
C GLU A 16 3.45 17.89 0.73
N PHE A 17 4.19 17.65 1.81
CA PHE A 17 4.16 16.37 2.51
C PHE A 17 4.51 16.61 3.97
N SER A 18 3.74 16.02 4.88
CA SER A 18 4.05 16.11 6.29
CA SER A 18 3.97 16.13 6.31
C SER A 18 3.68 14.80 6.98
N ALA A 19 4.50 14.45 7.97
CA ALA A 19 4.25 13.32 8.87
C ALA A 19 4.22 13.92 10.26
N PHE A 20 3.09 13.81 10.95
CA PHE A 20 2.85 14.64 12.11
C PHE A 20 2.11 13.85 13.19
N VAL A 21 2.07 14.43 14.38
CA VAL A 21 1.26 13.91 15.48
C VAL A 21 0.54 15.09 16.14
N GLU A 22 -0.74 14.88 16.46
CA GLU A 22 -1.53 15.84 17.21
C GLU A 22 -1.75 15.30 18.61
N PRO A 23 -1.27 15.97 19.65
CA PRO A 23 -1.47 15.43 21.00
C PRO A 23 -2.94 15.38 21.34
N PRO A 24 -3.34 14.46 22.23
CA PRO A 24 -4.78 14.28 22.52
C PRO A 24 -5.50 15.56 22.89
N ASP A 25 -4.83 16.48 23.58
CA ASP A 25 -5.41 17.75 23.98
C ASP A 25 -5.40 18.79 22.85
N ALA A 26 -5.36 18.35 21.59
CA ALA A 26 -5.50 19.29 20.48
C ALA A 26 -6.92 19.82 20.35
N VAL A 27 -7.89 19.20 21.04
CA VAL A 27 -9.25 19.72 21.06
C VAL A 27 -9.32 21.02 21.86
N ASP A 28 -8.65 21.05 23.01
CA ASP A 28 -8.66 22.25 23.85
C ASP A 28 -7.87 23.38 23.19
N SER A 29 -6.64 23.10 22.78
CA SER A 29 -5.79 24.07 22.11
C SER A 29 -5.03 23.34 21.02
N TYR A 30 -5.23 23.74 19.77
CA TYR A 30 -4.69 22.96 18.67
C TYR A 30 -3.18 23.13 18.55
N GLN A 31 -2.50 22.01 18.36
CA GLN A 31 -1.08 22.00 18.04
C GLN A 31 -0.80 20.71 17.28
N ARG A 32 0.27 20.72 16.49
CA ARG A 32 0.75 19.50 15.86
C ARG A 32 2.25 19.58 15.74
N HIS A 33 2.90 18.43 15.82
CA HIS A 33 4.35 18.31 15.73
C HIS A 33 4.70 17.65 14.40
N LEU A 34 5.60 18.29 13.65
CA LEU A 34 6.02 17.78 12.35
C LEU A 34 7.29 16.96 12.53
N PHE A 35 7.19 15.64 12.30
CA PHE A 35 8.39 14.81 12.28
C PHE A 35 9.27 15.16 11.09
N VAL A 36 8.67 15.14 9.89
CA VAL A 36 9.33 15.55 8.66
C VAL A 36 8.30 16.29 7.82
N HIS A 37 8.78 17.17 6.95
CA HIS A 37 7.89 18.08 6.24
C HIS A 37 8.59 18.56 4.97
N ILE A 38 7.88 18.52 3.84
CA ILE A 38 8.28 19.16 2.61
C ILE A 38 7.21 20.17 2.23
N SER A 39 7.61 21.42 2.01
CA SER A 39 6.68 22.47 1.60
C SER A 39 7.21 23.13 0.34
N GLN A 40 6.42 23.10 -0.71
CA GLN A 40 6.73 23.76 -1.98
C GLN A 40 5.55 24.58 -2.44
N HIS A 41 4.92 25.31 -1.51
CA HIS A 41 3.82 26.21 -1.83
C HIS A 41 4.34 27.58 -2.25
N PRO A 48 17.35 28.25 -9.48
CA PRO A 48 18.68 27.63 -9.42
C PRO A 48 18.62 26.12 -9.23
N PRO A 49 19.24 25.38 -10.14
CA PRO A 49 19.12 23.92 -10.16
C PRO A 49 19.51 23.28 -8.83
N LEU A 50 18.87 22.15 -8.54
CA LEU A 50 19.18 21.37 -7.36
C LEU A 50 20.58 20.77 -7.47
N GLU A 51 21.18 20.49 -6.32
CA GLU A 51 22.42 19.73 -6.31
C GLU A 51 22.15 18.30 -6.75
N SER A 52 23.18 17.66 -7.31
CA SER A 52 23.07 16.29 -7.77
C SER A 52 23.74 15.35 -6.77
N VAL A 53 23.28 14.10 -6.78
CA VAL A 53 23.90 13.01 -6.03
C VAL A 53 24.00 11.82 -6.96
N ASP A 54 25.21 11.25 -7.06
CA ASP A 54 25.40 10.08 -7.91
C ASP A 54 24.71 8.88 -7.28
N VAL A 55 23.77 8.29 -8.03
CA VAL A 55 22.91 7.24 -7.50
C VAL A 55 23.70 6.01 -7.06
N ARG A 56 24.94 5.85 -7.53
CA ARG A 56 25.73 4.67 -7.13
C ARG A 56 26.00 4.65 -5.64
N GLN A 57 26.08 5.82 -5.01
CA GLN A 57 26.45 5.88 -3.60
C GLN A 57 25.36 5.32 -2.69
N ILE A 58 24.09 5.45 -3.09
CA ILE A 58 22.98 5.01 -2.26
C ILE A 58 22.44 3.65 -2.70
N TYR A 59 23.15 2.95 -3.59
CA TYR A 59 22.65 1.68 -4.11
C TYR A 59 22.58 0.60 -3.03
N ASP A 60 23.44 0.67 -2.02
CA ASP A 60 23.43 -0.35 -0.98
C ASP A 60 22.35 -0.10 0.07
N LYS A 61 21.99 1.17 0.29
CA LYS A 61 20.97 1.49 1.28
C LYS A 61 19.59 1.09 0.80
N PHE A 62 19.40 1.04 -0.52
CA PHE A 62 18.17 0.54 -1.10
C PHE A 62 18.47 -0.82 -1.71
N PRO A 63 17.93 -1.89 -1.14
CA PRO A 63 18.41 -3.24 -1.47
C PRO A 63 18.42 -3.51 -2.96
N GLU A 64 19.56 -4.01 -3.44
CA GLU A 64 19.66 -4.44 -4.83
C GLU A 64 18.80 -5.69 -5.04
N LYS A 65 17.48 -5.51 -4.94
CA LYS A 65 16.52 -6.58 -5.13
C LYS A 65 15.63 -6.23 -6.32
N LYS A 66 14.74 -7.16 -6.67
CA LYS A 66 13.86 -6.96 -7.81
C LYS A 66 12.97 -5.75 -7.59
N GLY A 67 12.86 -4.91 -8.62
CA GLY A 67 12.07 -3.69 -8.54
C GLY A 67 12.73 -2.55 -7.81
N GLY A 68 14.04 -2.65 -7.54
CA GLY A 68 14.72 -1.69 -6.70
C GLY A 68 15.17 -0.45 -7.44
N LEU A 69 15.85 0.43 -6.69
CA LEU A 69 16.24 1.74 -7.21
C LEU A 69 17.10 1.62 -8.45
N ARG A 70 18.12 0.74 -8.41
CA ARG A 70 19.01 0.59 -9.56
C ARG A 70 18.24 0.14 -10.80
N GLU A 71 17.37 -0.87 -10.64
CA GLU A 71 16.58 -1.35 -11.76
C GLU A 71 15.70 -0.23 -12.34
N LEU A 72 15.03 0.52 -11.46
CA LEU A 72 14.19 1.61 -11.91
C LEU A 72 15.02 2.70 -12.58
N TYR A 73 16.18 3.04 -12.00
CA TYR A 73 16.98 4.12 -12.56
C TYR A 73 17.50 3.79 -13.94
N ASP A 74 17.92 2.53 -14.16
CA ASP A 74 18.32 2.11 -15.50
C ASP A 74 17.20 2.33 -16.50
N ARG A 75 15.96 2.06 -16.09
CA ARG A 75 14.81 2.22 -16.97
C ARG A 75 14.57 3.69 -17.31
N GLY A 76 14.75 4.58 -16.34
CA GLY A 76 14.61 5.99 -16.57
C GLY A 76 13.16 6.45 -16.59
N PRO A 77 12.93 7.71 -16.97
CA PRO A 77 13.97 8.68 -17.34
C PRO A 77 14.62 9.30 -16.11
N PRO A 78 15.93 9.57 -16.18
CA PRO A 78 16.64 9.99 -14.95
C PRO A 78 16.12 11.29 -14.38
N HIS A 79 15.51 12.15 -15.19
CA HIS A 79 14.99 13.41 -14.68
C HIS A 79 13.84 13.22 -13.71
N ALA A 80 13.30 12.02 -13.58
CA ALA A 80 12.21 11.72 -12.66
C ALA A 80 12.70 11.20 -11.31
N PHE A 81 14.01 11.09 -11.10
CA PHE A 81 14.56 10.42 -9.93
C PHE A 81 15.18 11.44 -8.97
N PHE A 82 14.77 11.40 -7.71
CA PHE A 82 15.20 12.35 -6.71
C PHE A 82 15.59 11.64 -5.43
N LEU A 83 16.43 12.32 -4.66
CA LEU A 83 16.80 11.90 -3.31
C LEU A 83 16.42 13.02 -2.36
N VAL A 84 15.72 12.66 -1.28
CA VAL A 84 15.35 13.60 -0.24
C VAL A 84 16.04 13.16 1.05
N LYS A 85 16.85 14.04 1.62
CA LYS A 85 17.43 13.84 2.94
C LYS A 85 16.59 14.56 3.97
N PHE A 86 16.10 13.82 4.96
CA PHE A 86 15.31 14.37 6.06
C PHE A 86 16.14 14.40 7.33
N TRP A 87 16.08 15.53 8.03
CA TRP A 87 16.50 15.58 9.43
C TRP A 87 15.22 15.61 10.25
N ALA A 88 14.90 14.47 10.86
CA ALA A 88 13.61 14.30 11.52
C ALA A 88 13.63 14.95 12.91
N ASP A 89 12.52 15.57 13.27
CA ASP A 89 12.34 16.19 14.58
C ASP A 89 11.66 15.17 15.49
N LEU A 90 12.43 14.54 16.36
CA LEU A 90 11.93 13.53 17.28
C LEU A 90 11.78 14.06 18.70
N ASN A 91 11.68 15.37 18.86
CA ASN A 91 11.58 16.02 20.16
C ASN A 91 10.13 16.47 20.34
N TRP A 92 9.31 15.59 20.92
CA TRP A 92 7.90 15.91 21.13
C TRP A 92 7.31 15.23 22.37
N GLY A 108 -1.22 9.44 23.80
CA GLY A 108 -0.64 9.11 22.51
C GLY A 108 -0.80 10.22 21.49
N GLY A 109 -2.02 10.37 20.97
CA GLY A 109 -2.34 11.37 19.98
C GLY A 109 -2.64 10.73 18.63
N PHE A 110 -2.98 11.59 17.66
CA PHE A 110 -3.27 11.16 16.31
C PHE A 110 -2.01 11.29 15.46
N TYR A 111 -1.58 10.18 14.88
CA TYR A 111 -0.44 10.16 13.97
C TYR A 111 -0.93 10.19 12.54
N GLY A 112 -0.48 11.17 11.78
CA GLY A 112 -1.08 11.46 10.50
C GLY A 112 -0.04 11.81 9.45
N VAL A 113 -0.47 11.73 8.19
CA VAL A 113 0.33 12.04 7.02
C VAL A 113 -0.53 12.83 6.05
N SER A 114 0.05 13.83 5.40
CA SER A 114 -0.62 14.60 4.38
C SER A 114 0.30 14.80 3.20
N SER A 115 -0.26 14.70 1.99
N SER A 115 -0.26 14.72 1.99
CA SER A 115 0.48 14.88 0.76
CA SER A 115 0.52 14.93 0.79
C SER A 115 -0.36 15.68 -0.22
C SER A 115 -0.33 15.62 -0.25
N GLN A 116 0.32 16.35 -1.15
CA GLN A 116 -0.37 17.06 -2.22
C GLN A 116 0.55 17.11 -3.43
N TYR A 117 0.01 16.71 -4.58
CA TYR A 117 0.72 16.76 -5.86
C TYR A 117 -0.05 17.66 -6.82
N GLU A 118 0.65 18.16 -7.84
CA GLU A 118 0.03 18.97 -8.87
C GLU A 118 0.57 18.55 -10.23
N SER A 119 -0.31 18.63 -11.24
CA SER A 119 0.09 18.38 -12.62
C SER A 119 -0.75 19.28 -13.51
N LEU A 120 -0.28 19.44 -14.75
CA LEU A 120 -1.06 20.17 -15.76
C LEU A 120 -1.91 19.25 -16.60
N GLU A 121 -1.60 17.96 -16.64
CA GLU A 121 -2.43 16.98 -17.32
C GLU A 121 -3.34 16.29 -16.32
N HIS A 122 -4.52 15.87 -16.79
CA HIS A 122 -5.42 15.06 -16.00
C HIS A 122 -4.90 13.62 -15.98
N MET A 123 -4.61 13.11 -14.79
CA MET A 123 -4.10 11.75 -14.64
C MET A 123 -4.72 11.11 -13.41
N THR A 124 -4.71 9.79 -13.40
CA THR A 124 -4.93 9.01 -12.19
C THR A 124 -3.58 8.49 -11.72
N LEU A 125 -3.23 8.80 -10.48
CA LEU A 125 -1.92 8.46 -9.94
C LEU A 125 -2.00 7.21 -9.09
N THR A 126 -0.98 6.35 -9.23
CA THR A 126 -0.72 5.25 -8.31
C THR A 126 0.53 5.60 -7.53
N CYS A 127 0.42 5.77 -6.22
CA CYS A 127 1.56 6.10 -5.38
CA CYS A 127 1.54 6.11 -5.36
C CYS A 127 1.94 4.88 -4.56
N SER A 128 3.16 4.40 -4.76
CA SER A 128 3.70 3.27 -4.03
C SER A 128 4.79 3.76 -3.09
N SER A 129 4.67 3.42 -1.81
CA SER A 129 5.66 3.76 -0.80
C SER A 129 6.21 2.48 -0.20
N LYS A 130 7.52 2.27 -0.32
CA LYS A 130 8.19 1.08 0.18
C LYS A 130 9.11 1.46 1.33
N VAL A 131 8.86 0.88 2.50
CA VAL A 131 9.68 1.10 3.68
C VAL A 131 10.68 -0.05 3.80
N CYS A 132 11.97 0.28 3.87
CA CYS A 132 13.02 -0.72 3.96
C CYS A 132 13.78 -0.57 5.27
N SER A 133 14.26 -1.71 5.79
CA SER A 133 15.15 -1.75 6.93
C SER A 133 16.35 -2.63 6.58
N PHE A 134 17.56 -2.12 6.83
CA PHE A 134 18.80 -2.79 6.45
C PHE A 134 18.70 -3.05 4.95
N GLY A 135 18.87 -4.28 4.49
CA GLY A 135 18.50 -4.58 3.13
C GLY A 135 17.00 -4.46 2.94
N LYS A 136 16.26 -5.36 3.58
CA LYS A 136 14.96 -5.80 3.07
C LYS A 136 13.84 -4.77 3.18
N GLN A 137 13.00 -4.75 2.15
CA GLN A 137 11.70 -4.11 2.23
C GLN A 137 10.88 -4.73 3.35
N VAL A 138 10.27 -3.89 4.18
CA VAL A 138 9.51 -4.31 5.34
C VAL A 138 8.00 -4.22 5.09
N VAL A 139 7.54 -3.07 4.58
CA VAL A 139 6.13 -2.86 4.28
C VAL A 139 6.02 -2.04 3.01
N GLU A 140 4.86 -2.12 2.37
CA GLU A 140 4.57 -1.32 1.17
C GLU A 140 3.14 -0.82 1.27
N LYS A 141 2.94 0.43 0.86
CA LYS A 141 1.63 1.05 0.81
C LYS A 141 1.37 1.54 -0.61
N VAL A 142 0.21 1.18 -1.16
CA VAL A 142 -0.16 1.56 -2.52
C VAL A 142 -1.49 2.29 -2.46
N GLU A 143 -1.53 3.49 -3.04
CA GLU A 143 -2.75 4.29 -3.12
C GLU A 143 -2.95 4.77 -4.54
N THR A 144 -4.22 4.90 -4.92
CA THR A 144 -4.61 5.51 -6.19
C THR A 144 -5.36 6.80 -5.89
N GLU A 145 -4.98 7.89 -6.56
CA GLU A 145 -5.64 9.17 -6.35
C GLU A 145 -6.00 9.80 -7.68
N ARG A 146 -7.25 10.26 -7.77
CA ARG A 146 -7.72 10.95 -8.96
CA ARG A 146 -7.76 10.95 -8.95
C ARG A 146 -7.51 12.45 -8.83
N ALA A 147 -7.43 13.12 -9.98
CA ALA A 147 -7.17 14.55 -9.99
C ALA A 147 -8.46 15.34 -9.80
N GLN A 148 -8.32 16.51 -9.19
CA GLN A 148 -9.37 17.52 -9.14
C GLN A 148 -8.85 18.78 -9.81
N LEU A 149 -9.65 19.33 -10.72
CA LEU A 149 -9.26 20.50 -11.49
C LEU A 149 -9.51 21.76 -10.66
N GLU A 150 -8.44 22.45 -10.27
CA GLU A 150 -8.54 23.66 -9.45
C GLU A 150 -7.66 24.72 -10.09
N ASP A 151 -8.30 25.76 -10.65
CA ASP A 151 -7.61 26.95 -11.13
C ASP A 151 -6.63 26.63 -12.25
N GLY A 152 -7.07 25.80 -13.21
CA GLY A 152 -6.28 25.48 -14.37
C GLY A 152 -5.32 24.32 -14.22
N ARG A 153 -5.05 23.85 -13.00
CA ARG A 153 -4.15 22.73 -12.79
C ARG A 153 -4.85 21.66 -11.97
N PHE A 154 -4.29 20.46 -12.02
CA PHE A 154 -4.86 19.29 -11.37
C PHE A 154 -4.15 19.00 -10.06
N VAL A 155 -4.93 18.87 -8.99
CA VAL A 155 -4.41 18.68 -7.64
C VAL A 155 -4.76 17.27 -7.18
N TYR A 156 -3.82 16.65 -6.45
CA TYR A 156 -4.01 15.33 -5.87
C TYR A 156 -3.76 15.47 -4.37
N ARG A 157 -4.84 15.48 -3.57
CA ARG A 157 -4.76 15.63 -2.13
C ARG A 157 -5.05 14.30 -1.45
N LEU A 158 -4.16 13.89 -0.54
CA LEU A 158 -4.40 12.77 0.37
C LEU A 158 -4.08 13.30 1.77
N LEU A 159 -4.99 14.09 2.31
CA LEU A 159 -4.77 14.81 3.56
C LEU A 159 -5.26 14.02 4.76
N ARG A 160 -4.62 14.28 5.91
CA ARG A 160 -5.02 13.71 7.20
C ARG A 160 -5.19 12.20 7.13
N SER A 161 -4.31 11.56 6.40
CA SER A 161 -4.35 10.11 6.34
C SER A 161 -3.73 9.52 7.61
N PRO A 162 -4.27 8.42 8.12
CA PRO A 162 -3.67 7.79 9.30
C PRO A 162 -2.31 7.22 8.96
N MET A 163 -1.30 7.61 9.75
CA MET A 163 0.04 7.09 9.54
C MET A 163 0.05 5.57 9.71
N CYS A 164 0.73 4.89 8.79
CA CYS A 164 0.74 3.43 8.84
C CYS A 164 1.34 2.96 10.17
N GLU A 165 0.79 1.87 10.69
CA GLU A 165 1.08 1.48 12.07
C GLU A 165 2.53 1.08 12.27
N TYR A 166 3.19 0.54 11.23
CA TYR A 166 4.58 0.17 11.39
C TYR A 166 5.44 1.38 11.73
N LEU A 167 5.15 2.53 11.14
CA LEU A 167 5.96 3.71 11.39
C LEU A 167 5.55 4.44 12.66
N VAL A 168 4.27 4.39 13.02
CA VAL A 168 3.86 4.88 14.33
C VAL A 168 4.61 4.11 15.42
N ASN A 169 4.68 2.78 15.27
CA ASN A 169 5.40 1.95 16.22
C ASN A 169 6.89 2.28 16.21
N PHE A 170 7.46 2.46 15.02
CA PHE A 170 8.88 2.81 14.89
C PHE A 170 9.21 4.09 15.63
N LEU A 171 8.35 5.11 15.51
CA LEU A 171 8.60 6.38 16.18
C LEU A 171 8.60 6.24 17.70
N HIS A 172 7.66 5.46 18.24
CA HIS A 172 7.61 5.24 19.69
C HIS A 172 8.90 4.58 20.17
N LYS A 173 9.34 3.53 19.48
CA LYS A 173 10.60 2.88 19.85
C LYS A 173 11.79 3.81 19.64
N LEU A 174 11.75 4.59 18.55
CA LEU A 174 12.88 5.45 18.22
C LEU A 174 13.15 6.47 19.30
N ARG A 175 12.12 7.04 19.91
CA ARG A 175 12.32 8.07 20.91
C ARG A 175 12.53 7.50 22.31
N GLN A 176 12.45 6.18 22.49
CA GLN A 176 12.92 5.57 23.72
C GLN A 176 14.44 5.53 23.79
N LEU A 177 15.12 5.66 22.66
CA LEU A 177 16.57 5.51 22.64
C LEU A 177 17.22 6.63 23.45
N PRO A 178 18.27 6.31 24.22
CA PRO A 178 18.83 7.28 25.18
C PRO A 178 19.82 8.27 24.57
N GLU A 179 20.31 8.04 23.36
CA GLU A 179 21.35 8.88 22.80
C GLU A 179 21.03 9.24 21.36
N ARG A 180 21.26 10.51 21.01
CA ARG A 180 20.98 10.96 19.65
C ARG A 180 21.74 10.13 18.63
N TYR A 181 23.00 9.81 18.92
CA TYR A 181 23.80 9.02 17.98
C TYR A 181 23.26 7.62 17.79
N MET A 182 22.53 7.09 18.78
CA MET A 182 21.91 5.77 18.59
C MET A 182 20.73 5.86 17.64
N MET A 183 19.98 6.96 17.69
CA MET A 183 18.88 7.14 16.74
C MET A 183 19.40 7.21 15.31
N ASN A 184 20.55 7.86 15.11
CA ASN A 184 21.12 7.95 13.77
C ASN A 184 21.67 6.61 13.30
N SER A 185 22.22 5.82 14.22
CA SER A 185 22.64 4.46 13.86
C SER A 185 21.46 3.63 13.38
N VAL A 186 20.32 3.75 14.06
CA VAL A 186 19.12 3.05 13.64
C VAL A 186 18.63 3.59 12.29
N LEU A 187 18.55 4.92 12.17
CA LEU A 187 18.03 5.52 10.94
C LEU A 187 19.00 5.37 9.77
N GLU A 188 20.27 5.05 10.02
CA GLU A 188 21.19 4.75 8.94
C GLU A 188 20.68 3.63 8.05
N ASN A 189 19.99 2.65 8.63
CA ASN A 189 19.51 1.49 7.91
C ASN A 189 18.04 1.61 7.52
N PHE A 190 17.48 2.80 7.59
CA PHE A 190 16.06 3.05 7.36
C PHE A 190 15.89 3.91 6.13
N THR A 191 15.13 3.43 5.15
CA THR A 191 14.88 4.20 3.93
C THR A 191 13.44 3.98 3.48
N ILE A 192 12.94 4.95 2.71
CA ILE A 192 11.65 4.85 2.05
C ILE A 192 11.86 5.12 0.56
N LEU A 193 11.27 4.27 -0.27
CA LEU A 193 11.34 4.42 -1.72
C LEU A 193 9.94 4.63 -2.25
N GLN A 194 9.72 5.73 -2.95
CA GLN A 194 8.41 6.12 -3.44
C GLN A 194 8.41 6.15 -4.96
N VAL A 195 7.37 5.58 -5.56
CA VAL A 195 7.22 5.53 -7.01
C VAL A 195 5.80 5.98 -7.35
N VAL A 196 5.67 7.09 -8.06
CA VAL A 196 4.39 7.58 -8.55
C VAL A 196 4.30 7.25 -10.03
N THR A 197 3.22 6.57 -10.42
CA THR A 197 2.99 6.19 -11.80
C THR A 197 1.68 6.78 -12.29
N ASN A 198 1.64 7.04 -13.59
CA ASN A 198 0.38 7.27 -14.30
C ASN A 198 -0.34 5.93 -14.39
N ARG A 199 -1.43 5.77 -13.63
CA ARG A 199 -2.06 4.45 -13.55
C ARG A 199 -2.54 3.95 -14.89
N ASP A 200 -3.01 4.85 -15.76
CA ASP A 200 -3.61 4.43 -17.01
C ASP A 200 -2.58 4.06 -18.07
N THR A 201 -1.43 4.71 -18.08
CA THR A 201 -0.38 4.43 -19.05
C THR A 201 0.79 3.65 -18.46
N GLN A 202 0.85 3.51 -17.13
CA GLN A 202 1.89 2.79 -16.41
C GLN A 202 3.27 3.44 -16.49
N GLU A 203 3.37 4.63 -17.08
CA GLU A 203 4.67 5.28 -17.15
C GLU A 203 5.01 5.92 -15.82
N LEU A 204 6.28 5.78 -15.43
CA LEU A 204 6.75 6.36 -14.19
C LEU A 204 6.75 7.88 -14.30
N LEU A 205 6.20 8.54 -13.27
CA LEU A 205 6.20 9.99 -13.20
C LEU A 205 7.24 10.53 -12.24
N LEU A 206 7.48 9.82 -11.14
CA LEU A 206 8.36 10.32 -10.09
C LEU A 206 8.85 9.15 -9.27
N CYS A 207 10.14 9.16 -8.94
CA CYS A 207 10.72 8.16 -8.05
C CYS A 207 11.64 8.88 -7.08
N THR A 208 11.31 8.80 -5.79
CA THR A 208 12.04 9.51 -4.76
C THR A 208 12.57 8.54 -3.73
N ALA A 209 13.86 8.63 -3.45
CA ALA A 209 14.52 7.88 -2.39
C ALA A 209 14.64 8.79 -1.18
N TYR A 210 14.25 8.28 -0.01
CA TYR A 210 14.25 9.05 1.23
C TYR A 210 15.23 8.44 2.23
N VAL A 211 16.13 9.27 2.76
CA VAL A 211 17.08 8.87 3.78
C VAL A 211 16.91 9.78 4.98
N PHE A 212 17.32 9.29 6.16
CA PHE A 212 16.90 9.92 7.41
C PHE A 212 18.04 10.06 8.40
N GLU A 213 18.08 11.21 9.07
CA GLU A 213 18.83 11.45 10.30
C GLU A 213 17.89 12.11 11.30
N VAL A 214 18.34 12.22 12.55
CA VAL A 214 17.60 12.93 13.57
CA VAL A 214 17.61 12.92 13.60
C VAL A 214 18.19 14.32 13.74
N SER A 215 17.32 15.32 13.76
CA SER A 215 17.76 16.68 14.02
C SER A 215 18.17 16.82 15.49
N THR A 216 19.16 17.66 15.73
CA THR A 216 19.51 17.97 17.12
C THR A 216 18.28 18.53 17.84
N SER A 217 18.26 18.36 19.16
CA SER A 217 17.04 18.65 19.92
C SER A 217 16.58 20.10 19.77
N GLU A 218 17.48 21.01 19.38
CA GLU A 218 17.13 22.42 19.28
C GLU A 218 16.48 22.79 17.95
N ARG A 219 16.81 22.07 16.89
CA ARG A 219 16.39 22.42 15.54
C ARG A 219 15.17 21.59 15.14
N GLY A 220 14.19 22.25 14.56
CA GLY A 220 13.04 21.55 14.00
C GLY A 220 13.43 20.78 12.76
N ALA A 221 12.42 20.19 12.13
CA ALA A 221 12.64 19.35 10.96
C ALA A 221 13.22 20.15 9.80
N GLN A 222 13.98 19.46 8.97
CA GLN A 222 14.57 20.10 7.78
C GLN A 222 14.72 19.03 6.71
N HIS A 223 14.85 19.48 5.47
CA HIS A 223 14.99 18.55 4.36
C HIS A 223 15.84 19.19 3.27
N HIS A 224 16.38 18.35 2.39
N HIS A 224 16.41 18.35 2.43
CA HIS A 224 17.18 18.77 1.26
CA HIS A 224 17.09 18.82 1.23
C HIS A 224 16.90 17.83 0.09
C HIS A 224 16.77 17.84 0.10
N ILE A 225 16.62 18.39 -1.09
CA ILE A 225 16.25 17.62 -2.27
C ILE A 225 17.43 17.63 -3.23
N TYR A 226 17.76 16.46 -3.77
CA TYR A 226 18.82 16.33 -4.75
C TYR A 226 18.27 15.66 -6.00
N ARG A 227 18.87 15.98 -7.14
CA ARG A 227 18.65 15.20 -8.35
C ARG A 227 19.56 13.98 -8.33
N LEU A 228 19.02 12.84 -8.73
CA LEU A 228 19.78 11.61 -8.80
C LEU A 228 20.41 11.49 -10.20
N VAL A 229 21.73 11.34 -10.25
CA VAL A 229 22.48 11.33 -11.48
C VAL A 229 23.38 10.09 -11.50
N ARG A 230 23.90 9.78 -12.68
CA ARG A 230 24.83 8.67 -12.85
C ARG A 230 25.85 8.97 -13.93
N GLY B 6 -23.00 -17.53 -2.80
CA GLY B 6 -22.46 -16.26 -3.22
C GLY B 6 -21.64 -15.58 -2.14
N LEU B 7 -20.57 -14.89 -2.56
CA LEU B 7 -19.75 -14.09 -1.65
C LEU B 7 -20.30 -12.67 -1.64
N GLY B 8 -21.04 -12.33 -0.61
CA GLY B 8 -21.49 -10.97 -0.44
C GLY B 8 -22.83 -10.92 0.28
N THR B 9 -23.38 -9.72 0.33
CA THR B 9 -24.62 -9.42 1.00
C THR B 9 -25.69 -9.05 -0.04
N ALA B 10 -26.84 -8.58 0.44
CA ALA B 10 -27.88 -8.10 -0.46
C ALA B 10 -27.51 -6.80 -1.14
N ARG B 11 -26.46 -6.11 -0.68
CA ARG B 11 -26.07 -4.82 -1.22
C ARG B 11 -24.84 -4.88 -2.11
N LEU B 12 -24.03 -5.93 -2.00
CA LEU B 12 -22.79 -6.01 -2.77
C LEU B 12 -22.32 -7.46 -2.78
N GLN B 13 -21.91 -7.94 -3.96
CA GLN B 13 -21.38 -9.28 -4.10
C GLN B 13 -20.13 -9.23 -4.96
N LEU B 14 -19.17 -10.09 -4.63
CA LEU B 14 -18.00 -10.32 -5.47
C LEU B 14 -18.33 -11.48 -6.41
N VAL B 15 -18.59 -11.19 -7.68
CA VAL B 15 -19.04 -12.22 -8.59
C VAL B 15 -17.87 -12.88 -9.35
N GLU B 16 -16.76 -12.16 -9.52
CA GLU B 16 -15.63 -12.70 -10.26
C GLU B 16 -14.33 -12.17 -9.67
N PHE B 17 -13.34 -13.05 -9.54
CA PHE B 17 -11.99 -12.66 -9.18
C PHE B 17 -11.03 -13.71 -9.71
N SER B 18 -9.88 -13.26 -10.21
CA SER B 18 -8.81 -14.17 -10.59
C SER B 18 -7.48 -13.47 -10.44
N ALA B 19 -6.47 -14.23 -10.02
CA ALA B 19 -5.08 -13.82 -10.07
C ALA B 19 -4.38 -14.76 -11.04
N PHE B 20 -3.67 -14.19 -12.01
CA PHE B 20 -3.25 -15.00 -13.15
C PHE B 20 -1.93 -14.50 -13.72
N VAL B 21 -1.38 -15.31 -14.61
CA VAL B 21 -0.25 -14.94 -15.45
C VAL B 21 -0.59 -15.31 -16.88
N GLU B 22 -0.27 -14.40 -17.82
CA GLU B 22 -0.51 -14.62 -19.23
C GLU B 22 0.67 -14.05 -20.02
N PRO B 23 0.94 -14.60 -21.21
CA PRO B 23 2.01 -14.06 -22.07
C PRO B 23 1.72 -12.66 -22.59
N GLN B 31 -5.50 -18.58 -22.85
CA GLN B 31 -4.07 -18.31 -22.66
C GLN B 31 -3.72 -18.16 -21.18
N ARG B 32 -4.60 -17.50 -20.43
CA ARG B 32 -4.33 -17.22 -19.03
C ARG B 32 -4.12 -18.49 -18.22
N HIS B 33 -3.21 -18.43 -17.25
CA HIS B 33 -3.12 -19.43 -16.20
C HIS B 33 -3.58 -18.81 -14.89
N LEU B 34 -4.60 -19.40 -14.29
CA LEU B 34 -5.20 -18.86 -13.08
C LEU B 34 -4.57 -19.53 -11.85
N PHE B 35 -3.91 -18.74 -11.00
CA PHE B 35 -3.42 -19.27 -9.74
C PHE B 35 -4.56 -19.54 -8.78
N VAL B 36 -5.45 -18.57 -8.62
CA VAL B 36 -6.69 -18.71 -7.87
C VAL B 36 -7.76 -17.96 -8.65
N HIS B 37 -9.02 -18.34 -8.40
CA HIS B 37 -10.10 -17.61 -9.04
C HIS B 37 -11.42 -17.94 -8.37
N ILE B 38 -12.35 -17.00 -8.44
CA ILE B 38 -13.73 -17.18 -8.02
C ILE B 38 -14.62 -16.83 -9.20
N SER B 39 -15.51 -17.74 -9.57
CA SER B 39 -16.38 -17.49 -10.71
C SER B 39 -17.82 -17.92 -10.44
N PRO B 49 -26.21 -23.81 0.03
CA PRO B 49 -25.94 -22.45 0.49
C PRO B 49 -24.48 -22.24 0.85
N LEU B 50 -24.23 -21.69 2.04
CA LEU B 50 -22.88 -21.49 2.55
C LEU B 50 -22.79 -22.01 3.97
N GLU B 51 -21.71 -22.74 4.25
CA GLU B 51 -21.43 -23.19 5.61
C GLU B 51 -20.81 -22.03 6.41
N SER B 52 -20.64 -22.25 7.70
CA SER B 52 -20.10 -21.23 8.58
C SER B 52 -18.78 -21.69 9.20
N VAL B 53 -18.01 -20.70 9.64
CA VAL B 53 -16.77 -20.91 10.39
C VAL B 53 -16.77 -19.92 11.54
N ASP B 54 -16.49 -20.41 12.75
CA ASP B 54 -16.39 -19.49 13.87
C ASP B 54 -15.11 -18.69 13.75
N VAL B 55 -15.23 -17.37 13.89
CA VAL B 55 -14.13 -16.46 13.61
C VAL B 55 -12.94 -16.69 14.56
N ARG B 56 -13.17 -17.36 15.68
CA ARG B 56 -12.08 -17.67 16.60
C ARG B 56 -11.11 -18.69 16.03
N GLN B 57 -11.54 -19.50 15.06
CA GLN B 57 -10.67 -20.52 14.50
C GLN B 57 -9.51 -19.91 13.72
N ILE B 58 -9.71 -18.75 13.11
CA ILE B 58 -8.72 -18.12 12.24
C ILE B 58 -8.05 -16.93 12.88
N TYR B 59 -8.38 -16.62 14.14
CA TYR B 59 -7.88 -15.39 14.76
C TYR B 59 -6.37 -15.36 14.85
N ASP B 60 -5.73 -16.52 15.04
CA ASP B 60 -4.28 -16.55 15.15
C ASP B 60 -3.60 -16.31 13.80
N LYS B 61 -4.24 -16.77 12.71
CA LYS B 61 -3.70 -16.55 11.37
C LYS B 61 -3.70 -15.08 11.00
N PHE B 62 -4.62 -14.30 11.56
CA PHE B 62 -4.56 -12.88 11.23
C PHE B 62 -4.00 -12.09 12.39
N PRO B 63 -3.15 -11.11 12.10
CA PRO B 63 -2.52 -10.34 13.18
C PRO B 63 -3.57 -9.64 14.03
N GLU B 64 -3.28 -9.53 15.32
CA GLU B 64 -4.15 -8.84 16.26
C GLU B 64 -3.98 -7.33 16.21
N LYS B 65 -3.24 -6.82 15.24
CA LYS B 65 -2.98 -5.39 15.15
C LYS B 65 -4.27 -4.64 14.83
N LYS B 66 -4.27 -3.35 15.19
CA LYS B 66 -5.41 -2.49 14.92
C LYS B 66 -5.74 -2.48 13.44
N GLY B 67 -7.03 -2.38 13.12
CA GLY B 67 -7.48 -2.56 11.76
C GLY B 67 -7.49 -3.99 11.30
N GLY B 68 -7.33 -4.95 12.22
CA GLY B 68 -7.29 -6.35 11.89
C GLY B 68 -8.66 -6.99 11.91
N LEU B 69 -8.68 -8.32 11.72
CA LEU B 69 -9.93 -9.05 11.57
C LEU B 69 -10.75 -9.01 12.86
N ARG B 70 -10.12 -9.27 14.00
CA ARG B 70 -10.85 -9.26 15.27
C ARG B 70 -11.48 -7.91 15.54
N GLU B 71 -10.75 -6.83 15.26
CA GLU B 71 -11.27 -5.50 15.55
C GLU B 71 -12.42 -5.14 14.61
N LEU B 72 -12.28 -5.46 13.32
CA LEU B 72 -13.34 -5.15 12.37
C LEU B 72 -14.59 -5.96 12.65
N TYR B 73 -14.43 -7.23 13.03
CA TYR B 73 -15.60 -8.07 13.28
C TYR B 73 -16.36 -7.60 14.51
N ASP B 74 -15.64 -7.16 15.55
CA ASP B 74 -16.31 -6.64 16.74
C ASP B 74 -17.23 -5.47 16.38
N ARG B 75 -16.80 -4.63 15.44
CA ARG B 75 -17.58 -3.46 15.05
C ARG B 75 -18.79 -3.82 14.19
N GLY B 76 -18.67 -4.85 13.36
CA GLY B 76 -19.79 -5.32 12.58
C GLY B 76 -19.99 -4.53 11.30
N PRO B 77 -21.08 -4.83 10.56
CA PRO B 77 -22.10 -5.84 10.89
C PRO B 77 -21.64 -7.26 10.58
N PRO B 78 -22.13 -8.25 11.33
CA PRO B 78 -21.61 -9.61 11.15
C PRO B 78 -21.91 -10.22 9.79
N HIS B 79 -23.09 -9.94 9.23
CA HIS B 79 -23.51 -10.53 7.96
C HIS B 79 -22.60 -10.14 6.80
N ALA B 80 -21.65 -9.23 7.00
CA ALA B 80 -20.77 -8.78 5.94
C ALA B 80 -19.41 -9.46 5.95
N PHE B 81 -19.16 -10.38 6.87
CA PHE B 81 -17.85 -10.97 7.06
C PHE B 81 -17.83 -12.39 6.52
N PHE B 82 -16.86 -12.67 5.65
CA PHE B 82 -16.73 -13.96 4.99
C PHE B 82 -15.28 -14.45 5.08
N LEU B 83 -15.13 -15.76 4.93
CA LEU B 83 -13.82 -16.40 4.79
C LEU B 83 -13.80 -17.18 3.49
N VAL B 84 -12.70 -17.07 2.76
CA VAL B 84 -12.50 -17.78 1.50
C VAL B 84 -11.23 -18.60 1.62
N LYS B 85 -11.35 -19.92 1.50
CA LYS B 85 -10.21 -20.82 1.44
CA LYS B 85 -10.18 -20.78 1.45
C LYS B 85 -9.85 -21.06 -0.02
N PHE B 86 -8.61 -20.75 -0.40
CA PHE B 86 -8.11 -20.98 -1.75
C PHE B 86 -7.16 -22.16 -1.76
N TRP B 87 -7.31 -23.03 -2.76
CA TRP B 87 -6.29 -24.00 -3.12
C TRP B 87 -5.74 -23.56 -4.47
N ALA B 88 -4.50 -23.08 -4.47
CA ALA B 88 -3.92 -22.41 -5.62
C ALA B 88 -3.27 -23.40 -6.57
N ASP B 89 -3.30 -23.06 -7.86
CA ASP B 89 -2.63 -23.82 -8.91
C ASP B 89 -1.32 -23.10 -9.24
N LEU B 90 -0.19 -23.75 -8.93
CA LEU B 90 1.12 -23.12 -9.08
C LEU B 90 2.04 -23.83 -10.07
N ASN B 91 1.51 -24.63 -10.98
CA ASN B 91 2.33 -25.22 -12.04
C ASN B 91 2.03 -24.54 -13.35
N TRP B 92 3.05 -23.88 -13.92
CA TRP B 92 2.89 -23.17 -15.18
C TRP B 92 4.24 -22.96 -15.87
N GLY B 109 6.11 -13.14 -18.93
CA GLY B 109 4.69 -13.26 -18.68
C GLY B 109 4.10 -12.08 -17.92
N PHE B 110 2.83 -11.78 -18.19
CA PHE B 110 2.14 -10.69 -17.52
C PHE B 110 1.37 -11.22 -16.32
N TYR B 111 1.60 -10.63 -15.15
CA TYR B 111 0.98 -11.04 -13.90
C TYR B 111 -0.16 -10.11 -13.57
N GLY B 112 -1.39 -10.60 -13.67
CA GLY B 112 -2.56 -9.75 -13.63
C GLY B 112 -3.59 -10.22 -12.62
N VAL B 113 -4.57 -9.35 -12.40
CA VAL B 113 -5.70 -9.62 -11.50
C VAL B 113 -6.95 -9.04 -12.15
N SER B 114 -8.03 -9.82 -12.14
CA SER B 114 -9.34 -9.33 -12.55
C SER B 114 -10.32 -9.48 -11.39
N SER B 115 -11.31 -8.61 -11.35
CA SER B 115 -12.33 -8.67 -10.31
C SER B 115 -13.59 -7.97 -10.84
N GLN B 116 -14.73 -8.36 -10.26
CA GLN B 116 -15.99 -7.71 -10.61
C GLN B 116 -16.93 -7.81 -9.42
N TYR B 117 -17.33 -6.66 -8.90
CA TYR B 117 -18.41 -6.57 -7.92
C TYR B 117 -19.69 -6.14 -8.61
N GLU B 118 -20.82 -6.43 -7.96
CA GLU B 118 -22.12 -5.99 -8.46
C GLU B 118 -22.94 -5.48 -7.29
N SER B 119 -23.89 -4.59 -7.60
CA SER B 119 -24.80 -4.05 -6.60
C SER B 119 -26.05 -3.55 -7.30
N LEU B 120 -27.09 -3.32 -6.49
CA LEU B 120 -28.33 -2.77 -7.01
C LEU B 120 -28.44 -1.26 -6.81
N GLU B 121 -27.64 -0.68 -5.92
CA GLU B 121 -27.60 0.76 -5.71
C GLU B 121 -26.34 1.32 -6.37
N HIS B 122 -26.45 2.54 -6.88
CA HIS B 122 -25.27 3.21 -7.44
C HIS B 122 -24.39 3.68 -6.30
N MET B 123 -23.19 3.11 -6.21
CA MET B 123 -22.24 3.46 -5.17
C MET B 123 -20.86 3.69 -5.78
N THR B 124 -20.00 4.36 -5.02
CA THR B 124 -18.57 4.35 -5.26
C THR B 124 -17.93 3.53 -4.15
N LEU B 125 -17.10 2.57 -4.52
CA LEU B 125 -16.49 1.65 -3.58
C LEU B 125 -15.06 2.08 -3.26
N THR B 126 -14.69 1.95 -1.98
CA THR B 126 -13.30 1.96 -1.56
C THR B 126 -12.93 0.53 -1.19
N CYS B 127 -11.93 -0.02 -1.86
CA CYS B 127 -11.48 -1.38 -1.62
CA CYS B 127 -11.48 -1.38 -1.64
C CYS B 127 -10.09 -1.35 -1.01
N SER B 128 -9.97 -1.89 0.20
CA SER B 128 -8.70 -1.94 0.91
C SER B 128 -8.26 -3.39 1.04
N SER B 129 -7.04 -3.68 0.57
CA SER B 129 -6.49 -5.03 0.57
C SER B 129 -5.21 -5.04 1.40
N LYS B 130 -5.17 -5.88 2.42
CA LYS B 130 -4.02 -6.00 3.30
C LYS B 130 -3.44 -7.40 3.18
N VAL B 131 -2.16 -7.48 2.81
CA VAL B 131 -1.44 -8.75 2.73
C VAL B 131 -0.62 -8.93 3.99
N CYS B 132 -0.72 -10.10 4.60
CA CYS B 132 0.01 -10.41 5.82
C CYS B 132 0.89 -11.63 5.62
N SER B 133 2.12 -11.55 6.12
CA SER B 133 3.02 -12.68 6.25
C SER B 133 3.41 -12.80 7.71
N PHE B 134 3.20 -13.99 8.29
CA PHE B 134 3.67 -14.30 9.63
C PHE B 134 3.11 -13.35 10.68
N GLY B 135 1.82 -13.05 10.55
CA GLY B 135 1.19 -12.11 11.46
C GLY B 135 1.69 -10.70 11.34
N LYS B 136 2.30 -10.33 10.21
CA LYS B 136 2.75 -8.97 9.97
C LYS B 136 2.15 -8.49 8.66
N GLN B 137 1.50 -7.33 8.70
CA GLN B 137 1.05 -6.67 7.48
C GLN B 137 2.28 -6.25 6.68
N VAL B 138 2.38 -6.74 5.44
CA VAL B 138 3.50 -6.39 4.57
C VAL B 138 3.09 -5.52 3.40
N VAL B 139 1.82 -5.57 2.99
CA VAL B 139 1.32 -4.75 1.88
C VAL B 139 -0.04 -4.20 2.28
N GLU B 140 -0.30 -2.95 1.92
CA GLU B 140 -1.65 -2.39 1.98
C GLU B 140 -1.91 -1.65 0.67
N LYS B 141 -3.04 -1.95 0.05
CA LYS B 141 -3.41 -1.41 -1.25
C LYS B 141 -4.83 -0.86 -1.14
N VAL B 142 -5.04 0.38 -1.56
CA VAL B 142 -6.35 1.03 -1.49
C VAL B 142 -6.72 1.51 -2.88
N GLU B 143 -7.86 1.03 -3.39
CA GLU B 143 -8.38 1.41 -4.69
C GLU B 143 -9.78 1.98 -4.55
N THR B 144 -10.17 2.81 -5.52
CA THR B 144 -11.50 3.38 -5.62
C THR B 144 -12.12 2.98 -6.95
N GLU B 145 -13.38 2.57 -6.92
CA GLU B 145 -14.06 2.09 -8.12
C GLU B 145 -15.48 2.65 -8.16
N ARG B 146 -15.80 3.36 -9.24
CA ARG B 146 -17.13 3.93 -9.44
C ARG B 146 -18.02 2.94 -10.17
N ALA B 147 -19.31 2.96 -9.82
CA ALA B 147 -20.27 2.05 -10.44
C ALA B 147 -20.44 2.36 -11.92
N GLN B 148 -20.68 1.29 -12.68
CA GLN B 148 -20.99 1.38 -14.10
C GLN B 148 -22.30 0.64 -14.34
N LEU B 149 -23.30 1.35 -14.85
CA LEU B 149 -24.59 0.73 -15.12
C LEU B 149 -24.48 -0.22 -16.31
N GLU B 150 -24.95 -1.45 -16.13
CA GLU B 150 -24.87 -2.45 -17.20
C GLU B 150 -25.92 -3.53 -16.96
N ASP B 151 -26.83 -3.67 -17.92
CA ASP B 151 -27.80 -4.77 -17.95
C ASP B 151 -28.61 -4.84 -16.66
N GLY B 152 -29.16 -3.70 -16.26
CA GLY B 152 -30.09 -3.65 -15.14
C GLY B 152 -29.48 -3.66 -13.76
N ARG B 153 -28.15 -3.60 -13.64
CA ARG B 153 -27.49 -3.53 -12.35
C ARG B 153 -26.19 -2.77 -12.51
N PHE B 154 -25.47 -2.60 -11.40
CA PHE B 154 -24.22 -1.84 -11.37
C PHE B 154 -23.05 -2.79 -11.20
N VAL B 155 -22.06 -2.67 -12.08
CA VAL B 155 -20.87 -3.51 -12.05
C VAL B 155 -19.67 -2.65 -11.69
N TYR B 156 -18.74 -3.24 -10.95
CA TYR B 156 -17.50 -2.59 -10.52
C TYR B 156 -16.38 -3.48 -11.04
N ARG B 157 -15.88 -3.17 -12.24
CA ARG B 157 -15.08 -4.10 -13.01
C ARG B 157 -13.64 -3.62 -13.13
N LEU B 158 -12.70 -4.49 -12.77
CA LEU B 158 -11.28 -4.31 -13.07
C LEU B 158 -10.85 -5.52 -13.89
N LEU B 159 -10.62 -5.31 -15.18
CA LEU B 159 -10.17 -6.36 -16.08
C LEU B 159 -8.70 -6.13 -16.42
N ARG B 160 -7.90 -7.20 -16.31
CA ARG B 160 -6.49 -7.18 -16.65
C ARG B 160 -5.74 -6.08 -15.89
N SER B 161 -5.99 -5.99 -14.60
CA SER B 161 -5.21 -5.09 -13.77
C SER B 161 -3.88 -5.75 -13.40
N PRO B 162 -2.77 -5.00 -13.39
CA PRO B 162 -1.47 -5.61 -13.08
C PRO B 162 -1.42 -6.06 -11.63
N MET B 163 -0.99 -7.30 -11.42
CA MET B 163 -0.87 -7.84 -10.08
C MET B 163 0.19 -7.07 -9.30
N CYS B 164 -0.11 -6.80 -8.02
CA CYS B 164 0.81 -6.03 -7.20
C CYS B 164 2.18 -6.69 -7.14
N GLU B 165 3.21 -5.86 -7.04
CA GLU B 165 4.57 -6.33 -7.22
C GLU B 165 4.98 -7.34 -6.15
N TYR B 166 4.54 -7.13 -4.92
CA TYR B 166 4.97 -8.00 -3.83
C TYR B 166 4.52 -9.44 -4.05
N LEU B 167 3.30 -9.63 -4.56
CA LEU B 167 2.82 -10.99 -4.78
C LEU B 167 3.41 -11.61 -6.04
N VAL B 168 3.81 -10.78 -7.01
CA VAL B 168 4.49 -11.32 -8.19
C VAL B 168 5.80 -11.98 -7.79
N ASN B 169 6.60 -11.29 -6.97
CA ASN B 169 7.86 -11.87 -6.53
C ASN B 169 7.63 -13.03 -5.57
N PHE B 170 6.60 -12.94 -4.72
CA PHE B 170 6.29 -14.04 -3.82
C PHE B 170 5.94 -15.30 -4.60
N LEU B 171 5.17 -15.15 -5.68
CA LEU B 171 4.83 -16.30 -6.53
C LEU B 171 6.09 -16.89 -7.17
N HIS B 172 7.02 -16.04 -7.59
CA HIS B 172 8.24 -16.55 -8.21
C HIS B 172 9.06 -17.37 -7.23
N LYS B 173 9.12 -16.94 -5.96
CA LYS B 173 9.83 -17.72 -4.97
C LYS B 173 9.06 -18.98 -4.59
N LEU B 174 7.73 -18.95 -4.66
CA LEU B 174 6.93 -20.13 -4.31
C LEU B 174 7.12 -21.26 -5.32
N ARG B 175 7.20 -20.94 -6.61
CA ARG B 175 7.32 -22.00 -7.61
C ARG B 175 8.63 -22.75 -7.50
N GLN B 176 9.67 -22.10 -6.96
CA GLN B 176 10.97 -22.75 -6.85
C GLN B 176 10.94 -23.92 -5.88
N LEU B 177 10.01 -23.92 -4.93
CA LEU B 177 10.04 -24.90 -3.85
C LEU B 177 9.86 -26.31 -4.41
N PRO B 178 10.62 -27.30 -3.91
CA PRO B 178 10.61 -28.63 -4.53
C PRO B 178 9.38 -29.45 -4.18
N GLU B 179 8.85 -29.23 -2.98
CA GLU B 179 7.75 -30.04 -2.46
C GLU B 179 6.53 -29.18 -2.19
N ARG B 180 5.35 -29.78 -2.40
CA ARG B 180 4.11 -29.05 -2.18
C ARG B 180 3.83 -28.83 -0.71
N TYR B 181 4.23 -29.76 0.17
CA TYR B 181 4.05 -29.53 1.59
C TYR B 181 4.90 -28.36 2.08
N MET B 182 6.04 -28.12 1.43
CA MET B 182 6.85 -26.95 1.77
C MET B 182 6.13 -25.65 1.38
N MET B 183 5.47 -25.64 0.22
CA MET B 183 4.69 -24.47 -0.16
C MET B 183 3.56 -24.23 0.84
N ASN B 184 2.94 -25.30 1.34
CA ASN B 184 1.85 -25.13 2.29
C ASN B 184 2.35 -24.64 3.64
N SER B 185 3.57 -25.02 4.03
CA SER B 185 4.17 -24.49 5.24
C SER B 185 4.38 -22.99 5.12
N VAL B 186 4.93 -22.55 3.99
CA VAL B 186 5.15 -21.12 3.77
C VAL B 186 3.83 -20.38 3.74
N LEU B 187 2.78 -21.00 3.20
CA LEU B 187 1.50 -20.33 2.99
C LEU B 187 0.60 -20.34 4.22
N GLU B 188 0.91 -21.12 5.26
CA GLU B 188 0.03 -21.12 6.42
C GLU B 188 0.15 -19.84 7.24
N ASN B 189 1.19 -19.05 7.01
CA ASN B 189 1.38 -17.75 7.66
C ASN B 189 1.01 -16.59 6.75
N PHE B 190 0.38 -16.87 5.62
CA PHE B 190 0.12 -15.89 4.58
C PHE B 190 -1.39 -15.69 4.45
N THR B 191 -1.85 -14.46 4.63
CA THR B 191 -3.27 -14.16 4.58
C THR B 191 -3.50 -12.84 3.85
N ILE B 192 -4.71 -12.69 3.31
CA ILE B 192 -5.15 -11.43 2.72
C ILE B 192 -6.46 -11.05 3.38
N LEU B 193 -6.59 -9.77 3.74
CA LEU B 193 -7.80 -9.23 4.34
C LEU B 193 -8.29 -8.10 3.46
N GLN B 194 -9.52 -8.22 2.96
CA GLN B 194 -10.12 -7.19 2.12
C GLN B 194 -11.29 -6.55 2.85
N VAL B 195 -11.39 -5.22 2.71
CA VAL B 195 -12.46 -4.44 3.31
C VAL B 195 -13.02 -3.54 2.21
N VAL B 196 -14.28 -3.75 1.86
CA VAL B 196 -14.96 -2.92 0.86
C VAL B 196 -15.97 -2.06 1.60
N THR B 197 -15.87 -0.75 1.44
CA THR B 197 -16.79 0.18 2.07
C THR B 197 -17.45 1.06 1.03
N ASN B 198 -18.64 1.55 1.39
CA ASN B 198 -19.26 2.65 0.68
C ASN B 198 -18.45 3.91 0.95
N ARG B 199 -17.85 4.49 -0.10
CA ARG B 199 -16.97 5.64 0.11
C ARG B 199 -17.74 6.82 0.67
N ASP B 200 -18.94 7.07 0.16
CA ASP B 200 -19.67 8.29 0.52
C ASP B 200 -20.23 8.22 1.93
N THR B 201 -20.72 7.04 2.34
CA THR B 201 -21.36 6.90 3.64
C THR B 201 -20.46 6.24 4.69
N GLN B 202 -19.31 5.71 4.28
CA GLN B 202 -18.35 5.00 5.13
C GLN B 202 -18.87 3.65 5.62
N GLU B 203 -20.05 3.23 5.20
CA GLU B 203 -20.56 1.92 5.57
C GLU B 203 -19.61 0.82 5.11
N LEU B 204 -19.33 -0.12 6.00
CA LEU B 204 -18.65 -1.35 5.59
C LEU B 204 -19.62 -2.21 4.81
N LEU B 205 -19.29 -2.50 3.55
CA LEU B 205 -20.14 -3.35 2.74
C LEU B 205 -19.72 -4.80 2.76
N LEU B 206 -18.42 -5.09 2.82
CA LEU B 206 -17.94 -6.45 2.71
C LEU B 206 -16.54 -6.56 3.29
N CYS B 207 -16.33 -7.58 4.12
CA CYS B 207 -15.01 -7.86 4.66
C CYS B 207 -14.73 -9.35 4.49
N THR B 208 -13.67 -9.67 3.76
CA THR B 208 -13.34 -11.04 3.41
C THR B 208 -11.93 -11.36 3.86
N ALA B 209 -11.79 -12.47 4.57
CA ALA B 209 -10.50 -13.03 4.91
C ALA B 209 -10.18 -14.16 3.94
N TYR B 210 -8.93 -14.22 3.49
CA TYR B 210 -8.49 -15.22 2.52
C TYR B 210 -7.34 -16.03 3.10
N VAL B 211 -7.45 -17.35 3.06
CA VAL B 211 -6.38 -18.24 3.46
C VAL B 211 -6.04 -19.16 2.28
N PHE B 212 -4.82 -19.69 2.29
CA PHE B 212 -4.24 -20.26 1.08
C PHE B 212 -3.55 -21.59 1.33
N GLU B 213 -3.72 -22.51 0.39
CA GLU B 213 -2.90 -23.70 0.25
C GLU B 213 -2.61 -23.90 -1.22
N VAL B 214 -1.68 -24.81 -1.52
CA VAL B 214 -1.36 -25.19 -2.89
C VAL B 214 -2.08 -26.49 -3.21
N SER B 215 -2.66 -26.54 -4.41
CA SER B 215 -3.32 -27.74 -4.90
C SER B 215 -2.32 -28.62 -5.66
N THR B 216 -2.68 -29.89 -5.83
CA THR B 216 -1.86 -30.78 -6.63
C THR B 216 -1.91 -30.35 -8.10
N SER B 217 -0.86 -30.73 -8.84
CA SER B 217 -0.82 -30.43 -10.27
C SER B 217 -2.04 -31.02 -10.99
N GLU B 218 -2.41 -32.25 -10.63
CA GLU B 218 -3.50 -32.94 -11.30
C GLU B 218 -4.86 -32.27 -11.03
N ARG B 219 -5.01 -31.62 -9.87
CA ARG B 219 -6.33 -31.26 -9.38
C ARG B 219 -6.72 -29.80 -9.60
N GLY B 220 -5.77 -28.90 -9.84
CA GLY B 220 -6.13 -27.54 -10.22
C GLY B 220 -6.79 -26.74 -9.11
N ALA B 221 -7.11 -25.50 -9.44
CA ALA B 221 -7.53 -24.51 -8.45
C ALA B 221 -8.93 -24.81 -7.92
N GLN B 222 -9.16 -24.40 -6.67
CA GLN B 222 -10.45 -24.61 -6.01
C GLN B 222 -10.60 -23.60 -4.90
N HIS B 223 -11.85 -23.30 -4.55
CA HIS B 223 -12.14 -22.40 -3.45
C HIS B 223 -13.44 -22.82 -2.77
N HIS B 224 -13.55 -22.47 -1.49
CA HIS B 224 -14.80 -22.58 -0.74
C HIS B 224 -15.03 -21.29 0.01
N ILE B 225 -16.28 -20.83 0.01
CA ILE B 225 -16.67 -19.59 0.66
C ILE B 225 -17.47 -19.94 1.91
N TYR B 226 -17.10 -19.33 3.03
CA TYR B 226 -17.72 -19.60 4.31
C TYR B 226 -18.19 -18.30 4.95
N ARG B 227 -19.24 -18.40 5.76
CA ARG B 227 -19.70 -17.29 6.57
C ARG B 227 -18.95 -17.27 7.89
N LEU B 228 -18.56 -16.07 8.33
CA LEU B 228 -17.89 -15.90 9.61
C LEU B 228 -18.92 -15.58 10.68
N VAL B 229 -18.88 -16.35 11.77
CA VAL B 229 -19.84 -16.24 12.87
C VAL B 229 -19.08 -16.26 14.19
N ARG B 230 -19.78 -15.93 15.27
CA ARG B 230 -19.19 -15.97 16.60
C ARG B 230 -20.16 -16.57 17.62
N1 KTF C . 4.59 8.66 4.95
C7 KTF C . 3.85 7.03 6.52
C8 KTF C . 2.70 6.74 5.71
N2 KTF C . 1.74 7.14 3.47
C9 KTF C . 3.58 8.31 4.08
O1 KTF C . 2.99 10.42 1.17
C1 KTF C . 8.13 9.01 7.45
C5 KTF C . 5.81 8.45 7.05
C6 KTF C . 4.74 8.00 6.16
N3 KTF C . 5.10 9.88 1.70
C4 KTF C . 5.62 8.43 8.43
C3 KTF C . 6.67 8.66 9.29
C2 KTF C . 7.94 8.91 8.82
N4 KTF C . 9.43 9.60 3.46
N KTF C . 2.67 7.37 4.46
C KTF C . 7.07 8.78 6.58
O KTF C . 1.76 6.02 6.06
C10 KTF C . 3.24 8.73 2.79
C11 KTF C . 2.10 7.95 2.49
C12 KTF C . 3.78 9.75 1.83
C13 KTF C . 5.62 10.99 0.89
C14 KTF C . 7.04 11.15 1.41
C15 KTF C . 7.47 9.70 1.73
C16 KTF C . 6.17 9.06 2.27
C17 KTF C . 8.56 9.67 2.71
C18 KTF C . 9.09 8.94 9.82
C19 KTF C . 9.65 10.32 10.12
C20 KTF C . 10.66 10.26 11.27
C21 KTF C . 11.78 9.27 10.98
C22 KTF C . 11.23 7.90 10.63
C23 KTF C . 10.23 7.99 9.48
C TRS D . 11.87 22.68 18.55
C1 TRS D . 12.98 21.97 17.80
C2 TRS D . 11.92 24.18 18.26
C3 TRS D . 10.52 22.10 18.12
N TRS D . 12.05 22.48 19.99
O1 TRS D . 12.92 20.59 18.08
O2 TRS D . 12.51 24.41 17.00
O3 TRS D . 10.64 20.71 17.96
N1 KTF E . -5.26 -9.90 -5.71
C7 KTF E . -3.00 -9.24 -6.04
C8 KTF E . -3.41 -7.87 -6.25
N2 KTF E . -5.37 -6.38 -6.14
C9 KTF E . -5.69 -8.60 -5.85
O1 KTF E . -9.23 -8.12 -6.30
C1 KTF E . -2.10 -13.52 -5.89
C5 KTF E . -3.56 -11.63 -5.53
C6 KTF E . -3.91 -10.22 -5.79
N3 KTF E . -8.55 -9.48 -4.65
C4 KTF E . -4.23 -12.37 -4.57
C3 KTF E . -3.83 -13.66 -4.27
C2 KTF E . -2.76 -14.24 -4.91
N4 KTF E . -7.21 -13.26 -2.29
N KTF E . -4.78 -7.62 -6.08
C KTF E . -2.49 -12.22 -6.20
O KTF E . -2.64 -6.96 -6.56
C10 KTF E . -6.94 -8.00 -5.76
C11 KTF E . -6.66 -6.63 -5.95
C12 KTF E . -8.33 -8.55 -5.59
C13 KTF E . -9.90 -10.03 -4.54
C14 KTF E . -9.66 -11.37 -3.86
C15 KTF E . -8.51 -11.08 -2.89
C16 KTF E . -7.64 -10.07 -3.67
C17 KTF E . -7.78 -12.30 -2.52
C18 KTF E . -2.30 -15.64 -4.51
C19 KTF E . -1.22 -15.62 -3.43
C20 KTF E . -0.88 -17.03 -2.97
C21 KTF E . -0.44 -17.89 -4.13
C22 KTF E . -1.47 -17.90 -5.24
C23 KTF E . -1.81 -16.48 -5.69
#